data_1T39
#
_entry.id   1T39
#
_cell.length_a   228.145
_cell.length_b   41.250
_cell.length_c   70.629
_cell.angle_alpha   90.00
_cell.angle_beta   103.14
_cell.angle_gamma   90.00
#
_symmetry.space_group_name_H-M   'C 1 2 1'
#
loop_
_entity.id
_entity.type
_entity.pdbx_description
1 polymer "5'-D(*GP*CP*CP*AP*TP*GP*(E1X)P*CP*TP*AP*GP*TP*A)-3'"
2 polymer "5'-D(*TP*AP*CP*TP*AP*GP*CP*CP*AP*TP*GP*GP*C)-3'"
3 polymer 'Methylated-DNA--protein-cysteine methyltransferase'
#
loop_
_entity_poly.entity_id
_entity_poly.type
_entity_poly.pdbx_seq_one_letter_code
_entity_poly.pdbx_strand_id
1 'polydeoxyribonucleotide' (DG)(DC)(DC)(DA)(DT)(DG)(E1X)(DC)(DT)(DA)(DG)(DT)(DA) C,E
2 'polydeoxyribonucleotide' (DT)(DA)(DC)(DT)(DA)(DG)(DC)(DC)(DA)(DT)(DG)(DG)(DC) D,F
3 'polypeptide(L)'
;MRGSHHHHHHGSMDKDCEMKRTTLDSPLGKLELSGCEQGLHEIKLLGKGTSAADAVEVPAPAAVLGGPEPLMQCTAWLNA
YFHQPEAIEEFPVPALHHPVFQQESFTRQVLWKLLKVVKFGEVISYQQLAALAGNPKAARAVGGAMRGNPVPILIPCHRV
VCSSGAVGNYSGGLAVKEWLLAHEGHRL
;
A,B
#
loop_
_chem_comp.id
_chem_comp.type
_chem_comp.name
_chem_comp.formula
DA DNA linking 2'-DEOXYADENOSINE-5'-MONOPHOSPHATE 'C10 H14 N5 O6 P'
DC DNA linking 2'-DEOXYCYTIDINE-5'-MONOPHOSPHATE 'C9 H14 N3 O7 P'
DG DNA linking 2'-DEOXYGUANOSINE-5'-MONOPHOSPHATE 'C10 H14 N5 O7 P'
DT DNA linking THYMIDINE-5'-MONOPHOSPHATE 'C10 H15 N2 O8 P'
E1X DNA linking 'PHOSPHORIC ACID MONO-[5-(1-ETHYL-2,6-DIOXO-1,2,3,6-TETRAHYDRO-PURIN-9-YL)-3-HYDROXY-TETRAHYDRO-FURAN-2-YLMETHYL]ESTER' 'C12 H17 N4 O8 P'
#
# COMPACT_ATOMS: atom_id res chain seq x y z
P E1X A 7 9.51 15.40 -31.09
OP1 E1X A 7 9.68 14.08 -30.44
OP2 E1X A 7 8.47 15.58 -32.12
O5' E1X A 7 9.29 16.49 -29.96
N9 E1X A 7 9.00 17.24 -26.18
C4 E1X A 7 8.72 17.50 -24.87
N3 E1X A 7 8.80 18.62 -24.15
C2 E1X A 7 8.50 18.61 -22.86
O2 E1X A 7 8.60 19.78 -22.15
N1 E1X A 7 8.08 17.45 -22.23
C10 E1X A 7 7.75 17.50 -20.77
C11 E1X A 7 7.33 16.16 -20.21
O6 E1X A 7 7.61 15.23 -22.37
C6 E1X A 7 7.98 16.25 -22.96
C5 E1X A 7 8.32 16.31 -24.33
N7 E1X A 7 8.32 15.31 -25.30
C8 E1X A 7 8.72 15.92 -26.38
C2' E1X A 7 10.73 17.86 -27.92
C5' E1X A 7 8.65 17.71 -30.28
C4' E1X A 7 9.07 18.80 -29.33
O4' E1X A 7 8.50 18.56 -28.02
C1' E1X A 7 9.51 18.23 -27.11
C3' E1X A 7 10.57 18.80 -29.10
O3' E1X A 7 10.98 20.11 -28.74
P E1X C 7 -7.27 1.87 17.63
OP1 E1X C 7 -7.31 0.83 18.68
OP2 E1X C 7 -6.09 2.77 17.52
O5' E1X C 7 -7.49 1.18 16.21
N9 E1X C 7 -7.87 -2.10 14.46
C4 E1X C 7 -7.89 -3.36 13.92
N3 E1X C 7 -8.36 -3.83 12.75
C2 E1X C 7 -8.27 -5.12 12.45
O2 E1X C 7 -8.76 -5.57 11.26
N1 E1X C 7 -7.67 -6.03 13.33
C10 E1X C 7 -7.61 -7.46 12.94
C11 E1X C 7 -6.98 -8.34 14.00
O6 E1X C 7 -6.65 -6.40 15.32
C6 E1X C 7 -7.16 -5.57 14.57
C5 E1X C 7 -7.29 -4.17 14.84
N7 E1X C 7 -6.88 -3.44 15.94
C8 E1X C 7 -7.24 -2.21 15.68
C2' E1X C 7 -9.47 -0.16 14.69
C5' E1X C 7 -7.08 1.85 15.03
C4' E1X C 7 -7.85 1.34 13.83
O4' E1X C 7 -7.43 -0.01 13.54
C1' E1X C 7 -8.46 -0.92 13.85
C3' E1X C 7 -9.35 1.24 14.11
O3' E1X C 7 -10.06 1.36 12.89
N CYS E 17 14.27 -6.43 -5.87
CA CYS E 17 13.92 -5.86 -7.21
C CYS E 17 12.95 -6.72 -8.05
N GLU E 18 11.67 -6.64 -7.75
CA GLU E 18 10.67 -7.43 -8.47
C GLU E 18 9.84 -6.65 -9.51
N MET E 19 9.73 -5.34 -9.30
CA MET E 19 8.95 -4.47 -10.20
C MET E 19 7.47 -4.83 -10.28
N LYS E 20 6.69 -4.31 -9.34
CA LYS E 20 5.25 -4.57 -9.33
C LYS E 20 4.48 -3.33 -9.74
N ARG E 21 3.19 -3.49 -10.02
CA ARG E 21 2.36 -2.38 -10.44
C ARG E 21 1.31 -1.97 -9.42
N THR E 22 1.27 -0.68 -9.14
CA THR E 22 0.33 -0.09 -8.22
C THR E 22 -0.27 1.07 -8.98
N THR E 23 -1.57 1.01 -9.20
CA THR E 23 -2.25 2.09 -9.90
C THR E 23 -2.79 3.08 -8.84
N LEU E 24 -3.23 4.24 -9.31
CA LEU E 24 -3.75 5.28 -8.42
C LEU E 24 -4.63 6.26 -9.19
N ASP E 25 -5.54 6.90 -8.44
CA ASP E 25 -6.45 7.87 -9.03
C ASP E 25 -5.96 9.30 -8.73
N SER E 26 -5.89 10.10 -9.78
CA SER E 26 -5.47 11.49 -9.68
C SER E 26 -6.45 12.30 -10.50
N PRO E 27 -6.47 13.62 -10.29
CA PRO E 27 -7.37 14.49 -11.05
C PRO E 27 -7.08 14.42 -12.54
N LEU E 28 -6.07 13.65 -12.92
CA LEU E 28 -5.67 13.48 -14.32
C LEU E 28 -6.10 12.09 -14.77
N GLY E 29 -6.81 11.40 -13.90
CA GLY E 29 -7.26 10.05 -14.17
C GLY E 29 -6.33 9.08 -13.45
N LYS E 30 -6.38 7.81 -13.83
CA LYS E 30 -5.51 6.81 -13.20
C LYS E 30 -4.10 6.96 -13.75
N LEU E 31 -3.11 6.59 -12.93
CA LEU E 31 -1.71 6.67 -13.36
C LEU E 31 -0.84 5.57 -12.74
N GLU E 32 -0.54 4.58 -13.57
CA GLU E 32 0.26 3.40 -13.23
C GLU E 32 1.73 3.70 -12.99
N LEU E 33 2.17 3.55 -11.74
CA LEU E 33 3.57 3.77 -11.41
C LEU E 33 4.26 2.47 -10.99
N SER E 34 4.94 1.85 -11.96
CA SER E 34 5.65 0.60 -11.71
C SER E 34 7.06 0.80 -11.16
N GLY E 35 7.61 -0.26 -10.58
CA GLY E 35 8.96 -0.20 -10.02
C GLY E 35 9.25 -1.30 -9.02
N CYS E 36 10.53 -1.54 -8.77
CA CYS E 36 10.95 -2.58 -7.82
C CYS E 36 11.21 -1.97 -6.45
N GLU E 37 11.62 -2.80 -5.49
CA GLU E 37 11.91 -2.32 -4.15
C GLU E 37 13.22 -1.52 -4.12
N GLN E 38 13.92 -1.49 -5.25
CA GLN E 38 15.18 -0.75 -5.34
C GLN E 38 14.86 0.68 -5.76
N GLY E 39 13.71 0.87 -6.40
CA GLY E 39 13.30 2.20 -6.85
C GLY E 39 12.11 2.28 -7.78
N LEU E 40 11.74 3.52 -8.13
CA LEU E 40 10.61 3.77 -9.02
C LEU E 40 11.08 3.65 -10.46
N HIS E 41 10.46 2.74 -11.21
CA HIS E 41 10.86 2.53 -12.59
C HIS E 41 10.08 3.41 -13.57
N GLU E 42 8.80 3.61 -13.31
CA GLU E 42 7.95 4.41 -14.20
C GLU E 42 6.74 4.97 -13.46
N ILE E 43 5.92 5.74 -14.19
CA ILE E 43 4.70 6.38 -13.68
C ILE E 43 3.94 6.98 -14.86
N LYS E 44 3.23 6.13 -15.61
CA LYS E 44 2.47 6.51 -16.80
C LYS E 44 1.03 7.01 -16.58
N LEU E 45 0.70 8.13 -17.20
CA LEU E 45 -0.61 8.73 -17.07
C LEU E 45 -1.55 8.08 -18.08
N LEU E 46 -2.03 6.88 -17.78
CA LEU E 46 -2.93 6.17 -18.67
C LEU E 46 -4.32 6.82 -18.69
N GLY E 47 -5.04 6.60 -19.79
CA GLY E 47 -6.37 7.17 -19.96
C GLY E 47 -7.35 6.79 -18.87
N PRO E 68 7.05 -2.76 -0.75
CA PRO E 68 7.56 -2.06 -1.94
C PRO E 68 7.71 -0.61 -1.59
N GLU E 69 8.58 -0.33 -0.62
CA GLU E 69 8.80 1.03 -0.14
C GLU E 69 8.68 2.17 -1.18
N PRO E 70 9.47 2.12 -2.27
CA PRO E 70 9.46 3.14 -3.33
C PRO E 70 8.10 3.52 -3.90
N LEU E 71 7.39 2.55 -4.48
CA LEU E 71 6.07 2.81 -5.05
C LEU E 71 5.10 3.48 -4.08
N MET E 72 4.93 2.89 -2.91
CA MET E 72 4.04 3.44 -1.90
C MET E 72 4.57 4.77 -1.34
N GLN E 73 5.86 5.00 -1.54
CA GLN E 73 6.52 6.23 -1.08
C GLN E 73 6.27 7.29 -2.13
N CYS E 74 6.22 6.85 -3.39
CA CYS E 74 5.95 7.72 -4.52
C CYS E 74 4.47 8.05 -4.51
N THR E 75 3.67 7.06 -4.15
CA THR E 75 2.22 7.20 -4.08
C THR E 75 1.86 8.33 -3.14
N ALA E 76 2.55 8.40 -2.02
CA ALA E 76 2.32 9.46 -1.04
C ALA E 76 2.59 10.85 -1.64
N TRP E 77 3.77 11.00 -2.23
CA TRP E 77 4.20 12.25 -2.84
C TRP E 77 3.16 12.72 -3.86
N LEU E 78 2.70 11.81 -4.70
CA LEU E 78 1.70 12.14 -5.72
C LEU E 78 0.44 12.72 -5.12
N ASN E 79 -0.14 12.02 -4.15
CA ASN E 79 -1.35 12.49 -3.49
C ASN E 79 -1.04 13.80 -2.77
N ALA E 80 0.22 13.99 -2.39
CA ALA E 80 0.64 15.20 -1.72
C ALA E 80 0.69 16.36 -2.72
N TYR E 81 1.37 16.16 -3.84
CA TYR E 81 1.47 17.19 -4.88
C TYR E 81 0.08 17.62 -5.23
N PHE E 82 -0.78 16.63 -5.41
CA PHE E 82 -2.15 16.89 -5.78
C PHE E 82 -2.99 17.54 -4.68
N HIS E 83 -3.42 16.76 -3.69
CA HIS E 83 -4.27 17.26 -2.62
C HIS E 83 -3.56 17.89 -1.42
N GLN E 84 -2.29 18.24 -1.57
CA GLN E 84 -1.56 18.85 -0.45
C GLN E 84 -0.24 19.52 -0.87
N PRO E 85 -0.25 20.25 -2.00
CA PRO E 85 0.98 20.91 -2.45
C PRO E 85 1.49 21.93 -1.44
N GLU E 86 0.67 22.26 -0.46
CA GLU E 86 1.02 23.23 0.56
C GLU E 86 2.34 22.89 1.25
N ALA E 87 2.81 21.66 1.06
CA ALA E 87 4.06 21.19 1.64
C ALA E 87 4.54 19.93 0.95
N ILE E 88 4.87 20.07 -0.33
CA ILE E 88 5.33 18.92 -1.12
C ILE E 88 6.76 18.55 -0.76
N GLU E 89 7.53 19.49 -0.23
CA GLU E 89 8.90 19.20 0.16
C GLU E 89 8.91 18.47 1.50
N GLU E 90 7.77 18.47 2.18
CA GLU E 90 7.62 17.78 3.45
C GLU E 90 7.56 16.28 3.18
N PHE E 91 7.61 15.92 1.90
CA PHE E 91 7.57 14.52 1.49
C PHE E 91 8.81 14.07 0.73
N PRO E 92 9.41 12.97 1.18
CA PRO E 92 10.61 12.39 0.58
C PRO E 92 10.33 11.85 -0.81
N VAL E 93 11.26 12.16 -1.71
CA VAL E 93 11.20 11.71 -3.09
C VAL E 93 11.75 10.29 -3.05
N PRO E 94 11.11 9.36 -3.78
CA PRO E 94 11.56 7.96 -3.81
C PRO E 94 12.85 7.75 -4.60
N ALA E 95 13.32 6.50 -4.56
CA ALA E 95 14.51 6.08 -5.26
C ALA E 95 14.15 5.86 -6.73
N LEU E 96 15.00 6.34 -7.61
CA LEU E 96 14.75 6.22 -9.03
C LEU E 96 15.47 5.05 -9.69
N HIS E 97 14.86 3.87 -9.61
CA HIS E 97 15.42 2.67 -10.24
C HIS E 97 14.97 2.61 -11.69
N HIS E 98 15.84 3.09 -12.57
CA HIS E 98 15.58 3.10 -13.99
C HIS E 98 16.90 3.31 -14.71
N PRO E 99 17.09 2.61 -15.82
CA PRO E 99 18.32 2.72 -16.61
C PRO E 99 18.85 4.14 -16.90
N VAL E 100 17.96 5.13 -16.91
CA VAL E 100 18.36 6.50 -17.22
C VAL E 100 19.07 7.16 -16.06
N PHE E 101 18.75 6.76 -14.85
CA PHE E 101 19.38 7.33 -13.67
C PHE E 101 20.59 6.50 -13.18
N GLN E 102 20.66 5.24 -13.60
CA GLN E 102 21.76 4.32 -13.21
C GLN E 102 23.12 4.70 -13.81
N GLN E 103 23.11 5.12 -15.07
CA GLN E 103 24.34 5.51 -15.77
C GLN E 103 24.53 7.02 -15.71
N GLU E 104 25.60 7.52 -16.31
CA GLU E 104 25.91 8.95 -16.30
C GLU E 104 25.81 9.52 -17.68
N SER E 105 24.84 10.41 -17.86
CA SER E 105 24.61 11.04 -19.15
C SER E 105 24.17 12.50 -19.03
N PHE E 106 23.87 13.09 -20.17
CA PHE E 106 23.37 14.46 -20.23
C PHE E 106 21.95 14.35 -19.73
N THR E 107 21.22 13.42 -20.36
CA THR E 107 19.86 13.13 -20.03
C THR E 107 19.79 12.95 -18.52
N ARG E 108 20.88 12.44 -17.95
CA ARG E 108 20.98 12.24 -16.50
C ARG E 108 20.80 13.57 -15.77
N GLN E 109 21.82 14.44 -15.88
CA GLN E 109 21.79 15.74 -15.23
C GLN E 109 20.48 16.48 -15.50
N VAL E 110 20.15 16.63 -16.78
CA VAL E 110 18.95 17.30 -17.20
C VAL E 110 17.74 16.88 -16.37
N LEU E 111 17.60 15.59 -16.12
CA LEU E 111 16.49 15.10 -15.33
C LEU E 111 16.71 15.42 -13.86
N TRP E 112 17.91 15.08 -13.39
CA TRP E 112 18.33 15.29 -11.99
C TRP E 112 18.22 16.77 -11.58
N LYS E 113 18.67 17.63 -12.49
CA LYS E 113 18.66 19.07 -12.31
C LYS E 113 17.25 19.61 -12.44
N LEU E 114 16.42 18.88 -13.20
CA LEU E 114 15.04 19.30 -13.41
C LEU E 114 14.19 19.25 -12.16
N LEU E 115 14.52 18.35 -11.23
CA LEU E 115 13.74 18.23 -10.00
C LEU E 115 14.48 18.78 -8.78
N LYS E 116 15.70 19.24 -8.99
CA LYS E 116 16.47 19.77 -7.87
C LYS E 116 16.56 21.28 -7.89
N VAL E 117 16.29 21.90 -9.03
CA VAL E 117 16.39 23.35 -9.12
C VAL E 117 15.07 23.99 -9.56
N VAL E 118 14.19 23.18 -10.15
CA VAL E 118 12.89 23.63 -10.60
C VAL E 118 11.82 23.13 -9.62
N LYS E 119 11.55 23.95 -8.62
CA LYS E 119 10.60 23.67 -7.55
C LYS E 119 9.16 23.87 -7.99
N PHE E 120 8.21 23.50 -7.10
CA PHE E 120 6.78 23.62 -7.36
C PHE E 120 6.38 25.03 -7.76
N GLY E 121 5.67 25.13 -8.87
CA GLY E 121 5.24 26.43 -9.35
C GLY E 121 6.20 26.99 -10.39
N GLU E 122 7.50 26.99 -10.08
CA GLU E 122 8.52 27.51 -10.98
C GLU E 122 8.45 26.98 -12.40
N VAL E 123 8.97 27.77 -13.33
CA VAL E 123 9.00 27.40 -14.74
C VAL E 123 10.41 27.69 -15.24
N ILE E 124 10.87 26.91 -16.21
CA ILE E 124 12.21 27.06 -16.77
C ILE E 124 12.25 26.72 -18.25
N SER E 125 13.08 27.43 -18.99
CA SER E 125 13.25 27.23 -20.42
C SER E 125 14.09 26.02 -20.76
N TYR E 126 13.79 25.37 -21.88
CA TYR E 126 14.54 24.21 -22.35
C TYR E 126 16.02 24.55 -22.23
N GLN E 127 16.39 25.69 -22.81
CA GLN E 127 17.77 26.18 -22.81
C GLN E 127 18.26 26.41 -21.39
N GLN E 128 17.54 27.21 -20.63
CA GLN E 128 17.93 27.51 -19.27
C GLN E 128 18.30 26.28 -18.47
N LEU E 129 17.65 25.15 -18.78
CA LEU E 129 17.93 23.88 -18.09
C LEU E 129 19.24 23.36 -18.59
N ALA E 130 19.40 23.36 -19.91
CA ALA E 130 20.63 22.92 -20.57
C ALA E 130 21.83 23.63 -19.95
N ALA E 131 21.60 24.84 -19.44
CA ALA E 131 22.64 25.61 -18.79
C ALA E 131 22.94 24.86 -17.49
N LEU E 132 21.88 24.61 -16.71
CA LEU E 132 22.03 23.89 -15.46
C LEU E 132 22.74 22.57 -15.63
N ALA E 133 22.43 21.90 -16.74
CA ALA E 133 23.00 20.60 -17.06
C ALA E 133 24.37 20.70 -17.72
N GLY E 134 24.97 21.88 -17.64
CA GLY E 134 26.28 22.07 -18.24
C GLY E 134 26.13 22.72 -19.60
N ASN E 135 26.25 21.93 -20.65
CA ASN E 135 26.16 22.41 -22.03
C ASN E 135 24.90 23.27 -22.31
N PRO E 136 25.07 24.59 -22.42
CA PRO E 136 23.97 25.52 -22.68
C PRO E 136 23.58 25.63 -24.17
N LYS E 137 24.48 25.20 -25.07
CA LYS E 137 24.20 25.26 -26.50
C LYS E 137 23.42 24.02 -26.89
N ALA E 138 22.96 23.27 -25.90
CA ALA E 138 22.23 22.03 -26.16
C ALA E 138 20.87 21.98 -25.47
N ALA E 139 19.94 22.76 -26.01
CA ALA E 139 18.59 22.79 -25.48
C ALA E 139 17.83 21.70 -26.19
N ARG E 140 18.05 21.60 -27.49
CA ARG E 140 17.39 20.61 -28.33
C ARG E 140 17.55 19.22 -27.75
N ALA E 141 18.69 18.99 -27.09
CA ALA E 141 18.99 17.71 -26.47
C ALA E 141 18.18 17.58 -25.20
N VAL E 142 17.96 18.71 -24.54
CA VAL E 142 17.16 18.74 -23.31
C VAL E 142 15.75 18.29 -23.70
N GLY E 143 15.50 18.27 -24.99
CA GLY E 143 14.21 17.82 -25.47
C GLY E 143 14.17 16.31 -25.44
N GLY E 144 15.04 15.70 -26.24
CA GLY E 144 15.10 14.24 -26.24
C GLY E 144 15.27 13.73 -24.83
N ALA E 145 15.84 14.59 -23.99
CA ALA E 145 16.06 14.28 -22.59
C ALA E 145 14.71 14.22 -21.89
N MET E 146 13.88 15.23 -22.19
CA MET E 146 12.55 15.33 -21.61
C MET E 146 11.63 14.22 -22.03
N ARG E 147 11.63 13.84 -23.31
CA ARG E 147 10.75 12.75 -23.71
C ARG E 147 11.22 11.50 -23.02
N GLY E 148 12.52 11.40 -22.83
CA GLY E 148 13.11 10.25 -22.16
C GLY E 148 12.69 10.18 -20.71
N ASN E 149 11.99 11.20 -20.23
CA ASN E 149 11.55 11.25 -18.84
C ASN E 149 10.50 10.19 -18.50
N PRO E 150 10.88 9.23 -17.65
CA PRO E 150 10.01 8.13 -17.22
C PRO E 150 9.08 8.55 -16.09
N VAL E 151 9.57 9.42 -15.22
CA VAL E 151 8.81 9.89 -14.06
C VAL E 151 8.29 11.32 -14.17
N PRO E 152 7.24 11.54 -14.99
CA PRO E 152 6.73 12.89 -15.11
C PRO E 152 6.03 13.24 -13.80
N ILE E 153 5.77 14.54 -13.61
CA ILE E 153 5.09 15.07 -12.42
C ILE E 153 6.03 15.02 -11.23
N LEU E 154 6.79 13.93 -11.11
CA LEU E 154 7.77 13.80 -10.04
C LEU E 154 8.95 14.64 -10.47
N ILE E 155 9.33 14.43 -11.72
CA ILE E 155 10.40 15.18 -12.35
C ILE E 155 9.54 15.95 -13.32
N PRO E 156 9.21 17.19 -12.94
CA PRO E 156 8.38 18.12 -13.69
C PRO E 156 8.82 18.50 -15.08
N CYS E 157 8.73 17.61 -16.06
CA CYS E 157 9.13 18.04 -17.39
C CYS E 157 8.10 19.00 -17.95
N HIS E 158 7.13 19.38 -17.12
CA HIS E 158 6.09 20.30 -17.53
C HIS E 158 6.45 21.76 -17.28
N ARG E 159 7.25 22.03 -16.26
CA ARG E 159 7.69 23.39 -15.95
C ARG E 159 8.57 23.88 -17.09
N VAL E 160 9.10 22.94 -17.85
CA VAL E 160 9.96 23.24 -18.98
C VAL E 160 9.18 23.94 -20.07
N VAL E 161 9.73 24.98 -20.70
CA VAL E 161 9.00 25.69 -21.75
C VAL E 161 9.86 26.34 -22.79
N CYS E 162 9.39 26.32 -24.04
CA CYS E 162 10.10 26.92 -25.17
C CYS E 162 10.51 28.34 -24.77
N SER E 163 11.66 28.80 -25.21
CA SER E 163 12.09 30.16 -24.85
C SER E 163 11.16 31.20 -25.48
N SER E 164 10.57 30.82 -26.62
CA SER E 164 9.65 31.68 -27.38
C SER E 164 8.37 32.09 -26.62
N GLY E 165 8.24 31.60 -25.38
CA GLY E 165 7.07 31.91 -24.58
C GLY E 165 6.04 30.80 -24.66
N ALA E 166 6.00 30.12 -25.80
CA ALA E 166 5.06 29.02 -26.05
C ALA E 166 5.35 27.84 -25.12
N VAL E 167 4.32 27.40 -24.39
CA VAL E 167 4.44 26.28 -23.45
C VAL E 167 4.47 24.92 -24.15
N GLY E 168 5.41 24.82 -25.09
CA GLY E 168 5.67 23.61 -25.87
C GLY E 168 4.73 22.42 -25.88
N ASN E 169 5.33 21.24 -25.90
CA ASN E 169 4.59 20.00 -25.96
C ASN E 169 4.68 19.16 -24.68
N TYR E 170 4.08 17.98 -24.72
CA TYR E 170 4.06 17.03 -23.61
C TYR E 170 3.69 15.66 -24.18
N SER E 171 4.28 14.60 -23.64
CA SER E 171 4.01 13.24 -24.10
C SER E 171 2.58 12.80 -23.84
N GLY E 172 2.12 12.98 -22.60
CA GLY E 172 0.76 12.59 -22.27
C GLY E 172 -0.30 13.62 -22.62
N GLY E 173 -0.24 14.14 -23.84
CA GLY E 173 -1.21 15.14 -24.28
C GLY E 173 -0.95 16.50 -23.68
N LEU E 174 -0.92 17.52 -24.54
CA LEU E 174 -0.67 18.90 -24.10
C LEU E 174 -1.66 19.33 -23.02
N ALA E 175 -2.84 18.72 -23.04
CA ALA E 175 -3.90 19.01 -22.08
C ALA E 175 -3.40 18.92 -20.64
N VAL E 176 -2.65 17.85 -20.36
CA VAL E 176 -2.11 17.61 -19.03
C VAL E 176 -1.14 18.69 -18.59
N LYS E 177 -0.33 19.19 -19.53
CA LYS E 177 0.64 20.23 -19.23
C LYS E 177 -0.13 21.46 -18.76
N GLU E 178 -1.27 21.70 -19.40
CA GLU E 178 -2.12 22.83 -19.05
C GLU E 178 -2.56 22.72 -17.58
N TRP E 179 -3.32 21.68 -17.29
CA TRP E 179 -3.81 21.45 -15.93
C TRP E 179 -2.72 21.58 -14.89
N LEU E 180 -1.59 20.91 -15.14
CA LEU E 180 -0.45 20.93 -14.21
C LEU E 180 0.01 22.37 -13.97
N LEU E 181 0.42 23.06 -15.04
CA LEU E 181 0.87 24.45 -14.92
C LEU E 181 -0.20 25.20 -14.14
N ALA E 182 -1.43 24.99 -14.59
CA ALA E 182 -2.61 25.60 -14.01
C ALA E 182 -2.66 25.36 -12.49
N HIS E 183 -2.75 24.09 -12.11
CA HIS E 183 -2.81 23.71 -10.70
C HIS E 183 -1.69 24.33 -9.90
N GLU E 184 -0.56 24.57 -10.55
CA GLU E 184 0.57 25.15 -9.85
C GLU E 184 0.41 26.66 -9.70
N GLY E 185 -0.59 27.20 -10.39
CA GLY E 185 -0.85 28.62 -10.28
C GLY E 185 -0.41 29.40 -11.48
N HIS E 186 -1.13 29.19 -12.58
CA HIS E 186 -0.87 29.84 -13.85
C HIS E 186 -2.20 30.13 -14.52
N ARG E 187 -2.16 30.94 -15.58
CA ARG E 187 -3.35 31.30 -16.32
C ARG E 187 -3.06 31.38 -17.83
N MET F 19 -6.96 -24.67 33.74
CA MET F 19 -6.47 -23.64 32.79
C MET F 19 -4.94 -23.70 32.61
N LYS F 20 -4.52 -24.26 31.48
CA LYS F 20 -3.09 -24.41 31.17
C LYS F 20 -2.74 -23.72 29.85
N ARG F 21 -1.44 -23.62 29.57
CA ARG F 21 -0.95 -22.98 28.35
C ARG F 21 -0.10 -23.95 27.52
N THR F 22 0.05 -23.65 26.24
CA THR F 22 0.86 -24.47 25.33
C THR F 22 1.45 -23.58 24.23
N THR F 23 2.74 -23.71 23.98
CA THR F 23 3.39 -22.90 22.97
C THR F 23 3.62 -23.67 21.67
N LEU F 24 3.92 -22.95 20.59
CA LEU F 24 4.14 -23.56 19.29
C LEU F 24 4.95 -22.66 18.36
N ASP F 25 5.64 -23.27 17.41
CA ASP F 25 6.46 -22.52 16.48
C ASP F 25 5.73 -22.39 15.14
N SER F 26 5.66 -21.15 14.66
CA SER F 26 5.00 -20.85 13.40
C SER F 26 5.94 -19.93 12.64
N PRO F 27 5.73 -19.80 11.32
CA PRO F 27 6.57 -18.92 10.51
C PRO F 27 6.50 -17.47 10.99
N LEU F 28 5.67 -17.22 11.99
CA LEU F 28 5.50 -15.90 12.58
C LEU F 28 6.18 -15.87 13.94
N GLY F 29 6.89 -16.95 14.24
CA GLY F 29 7.57 -17.09 15.51
C GLY F 29 6.73 -17.95 16.42
N LYS F 30 7.02 -17.95 17.72
CA LYS F 30 6.24 -18.73 18.68
C LYS F 30 4.91 -18.05 18.95
N LEU F 31 3.90 -18.83 19.30
CA LEU F 31 2.59 -18.28 19.58
C LEU F 31 1.84 -19.09 20.63
N GLU F 32 1.80 -18.53 21.83
CA GLU F 32 1.17 -19.11 23.01
C GLU F 32 -0.36 -19.13 22.96
N LEU F 33 -0.93 -20.33 22.88
CA LEU F 33 -2.38 -20.48 22.84
C LEU F 33 -2.90 -21.17 24.10
N SER F 34 -3.34 -20.35 25.06
CA SER F 34 -3.87 -20.85 26.32
C SER F 34 -5.35 -21.21 26.26
N GLY F 35 -5.80 -22.00 27.24
CA GLY F 35 -7.20 -22.40 27.29
C GLY F 35 -7.44 -23.63 28.15
N CYS F 36 -8.69 -23.82 28.57
CA CYS F 36 -9.06 -24.97 29.39
C CYS F 36 -9.58 -26.10 28.51
N GLU F 37 -10.00 -27.21 29.12
CA GLU F 37 -10.54 -28.36 28.40
C GLU F 37 -11.96 -28.07 27.91
N GLN F 38 -12.49 -26.90 28.27
CA GLN F 38 -13.82 -26.50 27.83
C GLN F 38 -13.68 -25.74 26.50
N GLY F 39 -12.51 -25.19 26.26
CA GLY F 39 -12.27 -24.45 25.02
C GLY F 39 -10.98 -23.63 24.96
N LEU F 40 -10.76 -23.00 23.81
CA LEU F 40 -9.58 -22.17 23.59
C LEU F 40 -9.83 -20.78 24.13
N HIS F 41 -8.99 -20.35 25.07
CA HIS F 41 -9.15 -19.04 25.68
C HIS F 41 -8.41 -17.93 24.95
N GLU F 42 -7.21 -18.24 24.46
CA GLU F 42 -6.40 -17.25 23.75
C GLU F 42 -5.40 -17.89 22.79
N ILE F 43 -4.65 -17.06 22.08
CA ILE F 43 -3.63 -17.48 21.13
C ILE F 43 -2.83 -16.24 20.71
N LYS F 44 -1.89 -15.83 21.57
CA LYS F 44 -1.04 -14.65 21.35
C LYS F 44 0.26 -14.88 20.56
N LEU F 45 0.49 -14.00 19.60
CA LEU F 45 1.67 -14.08 18.75
C LEU F 45 2.83 -13.36 19.44
N LEU F 46 3.44 -14.02 20.41
CA LEU F 46 4.57 -13.43 21.14
C LEU F 46 5.85 -13.49 20.31
N GLY F 47 6.96 -13.10 20.94
CA GLY F 47 8.25 -13.12 20.28
C GLY F 47 8.77 -14.54 20.05
N PRO F 68 -5.15 -30.45 27.11
CA PRO F 68 -6.46 -31.03 26.83
C PRO F 68 -6.81 -31.11 25.33
N GLU F 69 -8.06 -31.44 25.04
CA GLU F 69 -8.54 -31.57 23.66
C GLU F 69 -8.45 -30.28 22.82
N PRO F 70 -9.09 -29.18 23.28
CA PRO F 70 -9.10 -27.89 22.57
C PRO F 70 -7.76 -27.37 22.09
N LEU F 71 -6.83 -27.16 23.01
CA LEU F 71 -5.51 -26.64 22.66
C LEU F 71 -4.79 -27.47 21.60
N MET F 72 -4.71 -28.77 21.84
CA MET F 72 -4.05 -29.67 20.90
C MET F 72 -4.87 -29.82 19.61
N GLN F 73 -6.14 -29.44 19.68
CA GLN F 73 -7.03 -29.50 18.52
C GLN F 73 -6.80 -28.21 17.70
N CYS F 74 -6.52 -27.13 18.42
CA CYS F 74 -6.25 -25.83 17.83
C CYS F 74 -4.86 -25.87 17.22
N THR F 75 -3.95 -26.55 17.93
CA THR F 75 -2.57 -26.69 17.51
C THR F 75 -2.52 -27.34 16.13
N ALA F 76 -3.37 -28.33 15.92
CA ALA F 76 -3.43 -29.03 14.63
C ALA F 76 -3.84 -28.08 13.52
N TRP F 77 -4.94 -27.35 13.75
CA TRP F 77 -5.47 -26.39 12.78
C TRP F 77 -4.40 -25.39 12.38
N LEU F 78 -3.70 -24.85 13.38
CA LEU F 78 -2.65 -23.86 13.12
C LEU F 78 -1.57 -24.40 12.18
N ASN F 79 -1.03 -25.57 12.52
CA ASN F 79 -0.01 -26.18 11.66
C ASN F 79 -0.60 -26.50 10.30
N ALA F 80 -1.92 -26.70 10.26
CA ALA F 80 -2.63 -26.98 9.02
C ALA F 80 -2.72 -25.73 8.19
N TYR F 81 -3.21 -24.64 8.80
CA TYR F 81 -3.35 -23.36 8.10
C TYR F 81 -2.00 -23.01 7.53
N PHE F 82 -0.98 -23.18 8.34
CA PHE F 82 0.36 -22.88 7.92
C PHE F 82 0.94 -23.84 6.87
N HIS F 83 1.35 -25.04 7.29
CA HIS F 83 1.97 -26.00 6.39
C HIS F 83 1.03 -26.92 5.62
N GLN F 84 -0.26 -26.60 5.57
CA GLN F 84 -1.22 -27.43 4.84
C GLN F 84 -2.54 -26.73 4.56
N PRO F 85 -2.51 -25.46 4.14
CA PRO F 85 -3.75 -24.74 3.86
C PRO F 85 -4.56 -25.39 2.74
N GLU F 86 -3.93 -26.31 2.01
CA GLU F 86 -4.57 -27.01 0.90
C GLU F 86 -5.89 -27.66 1.32
N ALA F 87 -6.12 -27.75 2.62
CA ALA F 87 -7.33 -28.34 3.16
C ALA F 87 -7.51 -27.96 4.63
N ILE F 88 -7.69 -26.67 4.87
CA ILE F 88 -7.86 -26.17 6.22
C ILE F 88 -9.26 -26.48 6.77
N GLU F 89 -10.24 -26.66 5.89
CA GLU F 89 -11.58 -27.01 6.33
C GLU F 89 -11.65 -28.48 6.69
N GLU F 90 -10.62 -29.24 6.30
CA GLU F 90 -10.53 -30.66 6.61
C GLU F 90 -10.20 -30.80 8.09
N PHE F 91 -10.03 -29.66 8.77
CA PHE F 91 -9.72 -29.65 10.19
C PHE F 91 -10.75 -28.94 11.04
N PRO F 92 -11.22 -29.62 12.08
CA PRO F 92 -12.23 -29.09 13.00
C PRO F 92 -11.70 -27.91 13.82
N VAL F 93 -12.51 -26.89 13.91
CA VAL F 93 -12.21 -25.70 14.68
C VAL F 93 -12.51 -26.08 16.11
N PRO F 94 -11.66 -25.65 17.06
CA PRO F 94 -11.87 -25.95 18.48
C PRO F 94 -12.97 -25.14 19.14
N ALA F 95 -13.25 -25.50 20.39
CA ALA F 95 -14.26 -24.83 21.19
C ALA F 95 -13.68 -23.52 21.68
N LEU F 96 -14.47 -22.46 21.62
CA LEU F 96 -14.03 -21.14 22.02
C LEU F 96 -14.45 -20.75 23.44
N HIS F 97 -13.68 -21.21 24.43
CA HIS F 97 -13.96 -20.87 25.83
C HIS F 97 -13.32 -19.52 26.15
N HIS F 98 -14.13 -18.48 26.07
CA HIS F 98 -13.68 -17.12 26.37
C HIS F 98 -14.92 -16.27 26.58
N PRO F 99 -14.87 -15.37 27.57
CA PRO F 99 -15.97 -14.46 27.92
C PRO F 99 -16.66 -13.77 26.74
N VAL F 100 -15.94 -13.56 25.64
CA VAL F 100 -16.52 -12.89 24.48
C VAL F 100 -17.50 -13.76 23.69
N PHE F 101 -17.27 -15.07 23.73
CA PHE F 101 -18.13 -16.00 23.01
C PHE F 101 -19.24 -16.57 23.89
N GLN F 102 -19.05 -16.52 25.21
CA GLN F 102 -20.03 -17.04 26.17
C GLN F 102 -21.34 -16.25 26.23
N GLN F 103 -21.25 -14.93 26.15
CA GLN F 103 -22.42 -14.05 26.18
C GLN F 103 -22.86 -13.68 24.76
N GLU F 104 -23.92 -12.90 24.64
CA GLU F 104 -24.44 -12.50 23.34
C GLU F 104 -24.23 -11.01 23.11
N SER F 105 -23.40 -10.69 22.12
CA SER F 105 -23.10 -9.30 21.80
C SER F 105 -22.92 -9.06 20.30
N PHE F 106 -22.55 -7.84 19.97
CA PHE F 106 -22.29 -7.44 18.59
C PHE F 106 -20.95 -8.07 18.30
N THR F 107 -20.01 -7.80 19.21
CA THR F 107 -18.67 -8.33 19.14
C THR F 107 -18.77 -9.82 18.90
N ARG F 108 -19.81 -10.43 19.47
CA ARG F 108 -20.08 -11.86 19.32
C ARG F 108 -20.21 -12.21 17.84
N GLN F 109 -21.32 -11.79 17.24
CA GLN F 109 -21.61 -12.05 15.83
C GLN F 109 -20.42 -11.72 14.95
N VAL F 110 -19.94 -10.48 15.08
CA VAL F 110 -18.81 -9.99 14.30
C VAL F 110 -17.67 -11.00 14.26
N LEU F 111 -17.36 -11.59 15.41
CA LEU F 111 -16.31 -12.58 15.48
C LEU F 111 -16.77 -13.89 14.87
N TRP F 112 -17.96 -14.32 15.28
CA TRP F 112 -18.58 -15.56 14.81
C TRP F 112 -18.76 -15.57 13.29
N LYS F 113 -19.23 -14.43 12.77
CA LYS F 113 -19.47 -14.24 11.35
C LYS F 113 -18.15 -14.09 10.59
N LEU F 114 -17.12 -13.63 11.31
CA LEU F 114 -15.82 -13.42 10.71
C LEU F 114 -15.15 -14.72 10.28
N LEU F 115 -15.43 -15.82 10.99
CA LEU F 115 -14.82 -17.11 10.64
C LEU F 115 -15.78 -18.07 9.97
N LYS F 116 -17.03 -17.65 9.83
CA LYS F 116 -18.01 -18.51 9.19
C LYS F 116 -18.35 -18.08 7.76
N VAL F 117 -18.05 -16.84 7.41
CA VAL F 117 -18.34 -16.35 6.07
C VAL F 117 -17.10 -15.88 5.33
N VAL F 118 -16.03 -15.60 6.08
CA VAL F 118 -14.78 -15.15 5.49
C VAL F 118 -13.79 -16.33 5.53
N LYS F 119 -13.78 -17.09 4.45
CA LYS F 119 -12.94 -18.28 4.28
C LYS F 119 -11.50 -17.94 3.93
N PHE F 120 -10.65 -18.96 3.90
CA PHE F 120 -9.22 -18.80 3.59
C PHE F 120 -9.02 -18.07 2.27
N GLY F 121 -8.19 -17.04 2.31
CA GLY F 121 -7.91 -16.27 1.11
C GLY F 121 -8.78 -15.04 0.99
N GLU F 122 -10.09 -15.23 1.18
CA GLU F 122 -11.06 -14.13 1.08
C GLU F 122 -10.73 -12.92 1.93
N VAL F 123 -11.25 -11.78 1.51
CA VAL F 123 -11.04 -10.52 2.20
C VAL F 123 -12.39 -9.83 2.32
N ILE F 124 -12.58 -9.06 3.39
CA ILE F 124 -13.84 -8.38 3.63
C ILE F 124 -13.63 -7.05 4.34
N SER F 125 -14.47 -6.07 4.00
CA SER F 125 -14.41 -4.73 4.58
C SER F 125 -14.99 -4.67 5.98
N TYR F 126 -14.44 -3.78 6.81
CA TYR F 126 -14.94 -3.59 8.17
C TYR F 126 -16.46 -3.47 8.11
N GLN F 127 -16.91 -2.59 7.22
CA GLN F 127 -18.33 -2.34 7.02
C GLN F 127 -19.04 -3.59 6.54
N GLN F 128 -18.57 -4.17 5.45
CA GLN F 128 -19.17 -5.39 4.90
C GLN F 128 -19.44 -6.45 5.96
N LEU F 129 -18.59 -6.51 6.99
CA LEU F 129 -18.76 -7.48 8.07
C LEU F 129 -19.90 -7.02 8.94
N ALA F 130 -19.88 -5.72 9.29
CA ALA F 130 -20.92 -5.10 10.10
C ALA F 130 -22.28 -5.42 9.51
N ALA F 131 -22.32 -5.58 8.19
CA ALA F 131 -23.55 -5.93 7.50
C ALA F 131 -23.90 -7.35 7.94
N LEU F 132 -22.95 -8.26 7.78
CA LEU F 132 -23.13 -9.65 8.17
C LEU F 132 -23.58 -9.75 9.62
N ALA F 133 -23.01 -8.91 10.48
CA ALA F 133 -23.33 -8.90 11.90
C ALA F 133 -24.59 -8.12 12.23
N GLY F 134 -25.39 -7.83 11.20
CA GLY F 134 -26.61 -7.09 11.41
C GLY F 134 -26.42 -5.63 11.09
N ASN F 135 -26.25 -4.82 12.13
CA ASN F 135 -26.06 -3.37 11.99
C ASN F 135 -24.93 -2.99 11.02
N PRO F 136 -25.29 -2.50 9.80
CA PRO F 136 -24.32 -2.09 8.78
C PRO F 136 -23.78 -0.67 8.95
N LYS F 137 -24.44 0.14 9.78
CA LYS F 137 -24.00 1.51 10.01
C LYS F 137 -22.99 1.50 11.15
N ALA F 138 -22.57 0.29 11.54
CA ALA F 138 -21.61 0.15 12.64
C ALA F 138 -20.35 -0.62 12.26
N ALA F 139 -19.51 0.00 11.46
CA ALA F 139 -18.25 -0.61 11.05
C ALA F 139 -17.23 -0.28 12.13
N ARG F 140 -17.27 0.96 12.60
CA ARG F 140 -16.36 1.46 13.62
C ARG F 140 -16.36 0.54 14.83
N ALA F 141 -17.52 -0.06 15.08
CA ALA F 141 -17.71 -0.98 16.20
C ALA F 141 -17.07 -2.30 15.87
N VAL F 142 -17.13 -2.67 14.58
CA VAL F 142 -16.50 -3.89 14.13
C VAL F 142 -15.01 -3.77 14.39
N GLY F 143 -14.56 -2.54 14.65
CA GLY F 143 -13.17 -2.30 14.96
C GLY F 143 -12.91 -2.73 16.39
N GLY F 144 -13.56 -2.07 17.34
CA GLY F 144 -13.38 -2.43 18.72
C GLY F 144 -13.66 -3.91 18.89
N ALA F 145 -14.45 -4.45 17.94
CA ALA F 145 -14.80 -5.86 17.95
C ALA F 145 -13.55 -6.67 17.57
N MET F 146 -12.87 -6.19 16.53
CA MET F 146 -11.65 -6.83 16.05
C MET F 146 -10.51 -6.81 17.04
N ARG F 147 -10.29 -5.68 17.71
CA ARG F 147 -9.21 -5.65 18.69
C ARG F 147 -9.56 -6.60 19.82
N GLY F 148 -10.86 -6.72 20.09
CA GLY F 148 -11.32 -7.61 21.13
C GLY F 148 -11.10 -9.06 20.77
N ASN F 149 -10.65 -9.31 19.53
CA ASN F 149 -10.39 -10.67 19.06
C ASN F 149 -9.25 -11.36 19.79
N PRO F 150 -9.58 -12.40 20.57
CA PRO F 150 -8.61 -13.18 21.34
C PRO F 150 -7.91 -14.24 20.49
N VAL F 151 -8.66 -14.81 19.54
CA VAL F 151 -8.14 -15.85 18.66
C VAL F 151 -7.84 -15.42 17.23
N PRO F 152 -6.75 -14.66 17.03
CA PRO F 152 -6.43 -14.23 15.66
C PRO F 152 -5.98 -15.44 14.87
N ILE F 153 -5.94 -15.30 13.56
CA ILE F 153 -5.52 -16.37 12.64
C ILE F 153 -6.60 -17.44 12.57
N LEU F 154 -7.20 -17.78 13.71
CA LEU F 154 -8.28 -18.77 13.77
C LEU F 154 -9.51 -18.02 13.30
N ILE F 155 -9.70 -16.86 13.90
CA ILE F 155 -10.75 -15.95 13.53
C ILE F 155 -9.90 -14.89 12.86
N PRO F 156 -9.82 -14.96 11.53
CA PRO F 156 -9.06 -14.06 10.66
C PRO F 156 -9.37 -12.57 10.72
N CYS F 157 -9.04 -11.89 11.80
CA CYS F 157 -9.32 -10.45 11.79
C CYS F 157 -8.37 -9.75 10.83
N HIS F 158 -7.61 -10.53 10.08
CA HIS F 158 -6.68 -9.99 9.11
C HIS F 158 -7.29 -9.79 7.73
N ARG F 159 -8.26 -10.64 7.36
CA ARG F 159 -8.94 -10.54 6.06
C ARG F 159 -9.74 -9.24 6.04
N VAL F 160 -10.00 -8.70 7.23
CA VAL F 160 -10.73 -7.46 7.40
C VAL F 160 -9.92 -6.29 6.88
N VAL F 161 -10.54 -5.39 6.12
CA VAL F 161 -9.79 -4.25 5.56
C VAL F 161 -10.62 -3.00 5.40
N CYS F 162 -9.98 -1.85 5.61
CA CYS F 162 -10.63 -0.55 5.47
C CYS F 162 -11.31 -0.49 4.10
N SER F 163 -12.42 0.23 4.03
CA SER F 163 -13.17 0.39 2.79
C SER F 163 -12.35 1.19 1.79
N SER F 164 -11.38 1.93 2.33
CA SER F 164 -10.46 2.74 1.55
C SER F 164 -9.73 1.89 0.51
N GLY F 165 -9.29 0.71 0.93
CA GLY F 165 -8.57 -0.19 0.04
C GLY F 165 -7.22 -0.57 0.58
N ALA F 166 -6.91 -0.07 1.78
CA ALA F 166 -5.64 -0.35 2.44
C ALA F 166 -5.74 -1.54 3.40
N VAL F 167 -4.58 -2.03 3.82
CA VAL F 167 -4.46 -3.16 4.75
C VAL F 167 -5.01 -2.81 6.13
N GLY F 168 -4.91 -1.53 6.50
CA GLY F 168 -5.39 -1.08 7.79
C GLY F 168 -4.41 -1.39 8.91
N ASN F 169 -4.92 -1.77 10.08
CA ASN F 169 -4.04 -2.11 11.20
C ASN F 169 -4.18 -3.55 11.69
N TYR F 170 -3.39 -3.88 12.72
CA TYR F 170 -3.37 -5.21 13.34
C TYR F 170 -2.71 -5.04 14.71
N SER F 171 -3.20 -5.80 15.69
CA SER F 171 -2.65 -5.73 17.05
C SER F 171 -1.21 -6.22 17.14
N GLY F 172 -0.94 -7.39 16.58
CA GLY F 172 0.40 -7.95 16.61
C GLY F 172 1.32 -7.42 15.52
N GLY F 173 1.34 -6.11 15.33
CA GLY F 173 2.19 -5.51 14.32
C GLY F 173 1.64 -5.69 12.91
N LEU F 174 1.55 -4.59 12.16
CA LEU F 174 1.03 -4.63 10.79
C LEU F 174 1.79 -5.64 9.93
N ALA F 175 3.04 -5.88 10.29
CA ALA F 175 3.91 -6.82 9.58
C ALA F 175 3.25 -8.18 9.41
N VAL F 176 2.65 -8.67 10.49
CA VAL F 176 1.97 -9.96 10.50
C VAL F 176 0.80 -10.00 9.54
N LYS F 177 0.04 -8.90 9.46
CA LYS F 177 -1.11 -8.83 8.56
C LYS F 177 -0.62 -9.03 7.12
N GLU F 178 0.54 -8.45 6.82
CA GLU F 178 1.15 -8.56 5.51
C GLU F 178 1.40 -10.01 5.18
N TRP F 179 2.27 -10.66 5.96
CA TRP F 179 2.61 -12.06 5.75
C TRP F 179 1.37 -12.94 5.59
N LEU F 180 0.42 -12.79 6.51
CA LEU F 180 -0.81 -13.58 6.46
C LEU F 180 -1.52 -13.38 5.13
N LEU F 181 -1.89 -12.14 4.81
CA LEU F 181 -2.55 -11.85 3.54
C LEU F 181 -1.73 -12.47 2.44
N ALA F 182 -0.43 -12.22 2.52
CA ALA F 182 0.54 -12.71 1.56
C ALA F 182 0.42 -14.22 1.40
N HIS F 183 0.65 -14.94 2.50
CA HIS F 183 0.59 -16.40 2.50
C HIS F 183 -0.72 -16.92 1.92
N GLU F 184 -1.79 -16.15 2.10
CA GLU F 184 -3.08 -16.56 1.59
C GLU F 184 -3.16 -16.31 0.08
N GLY F 185 -2.18 -15.58 -0.44
CA GLY F 185 -2.13 -15.31 -1.87
C GLY F 185 -2.58 -13.93 -2.34
N HIS F 186 -1.67 -12.96 -2.33
CA HIS F 186 -2.05 -11.62 -2.78
C HIS F 186 -0.92 -10.90 -3.51
#